data_5MFQ
#
_entry.id   5MFQ
#
_cell.length_a   71.013
_cell.length_b   71.013
_cell.length_c   234.854
_cell.angle_alpha   90.000
_cell.angle_beta   90.000
_cell.angle_gamma   90.000
#
_symmetry.space_group_name_H-M   'P 41 21 2'
#
loop_
_entity.id
_entity.type
_entity.pdbx_description
1 polymer 'Glutamate receptor ionotropic, kainate 1,Glutamate receptor ionotropic, kainate 1'
2 non-polymer '4-cyclopropyl-7-fluoro-3,4-dihydro-2H-1,2,4-benzothiadiazine 1,1-dioxide'
3 non-polymer 3-(CARBOXYMETHYL)-4-ISOPROPENYLPROLINE
4 non-polymer 'CHLORIDE ION'
5 non-polymer GLYCEROL
6 non-polymer 'SULFATE ION'
7 water water
#
_entity_poly.entity_id   1
_entity_poly.type   'polypeptide(L)'
_entity_poly.pdbx_seq_one_letter_code
;GANRTLIVTTILEEPYVMYRKSDKPLYGNDRFEGYCLDLLKELSNILGFLYDVKLVPDGKYGAQNDKGEWNGMVKELIDH
RADLAVAPLTITYVREKVIDFSKPFMTLGISILYRKGTPIDSADDLAKQTKIEYGAVRDGSTMTFFKKSKISTYEKMWAF
MSSRQQSALVKNSDEGIQRVLTTDYALLMESTSIEYVTQRNCNLTQIGGLIDSKGYGVGTPIGSPYRDKITIAILQLQEE
GKLHMMKEKWWRGNGCP
;
_entity_poly.pdbx_strand_id   A,B
#
loop_
_chem_comp.id
_chem_comp.type
_chem_comp.name
_chem_comp.formula
2J9 non-polymer '4-cyclopropyl-7-fluoro-3,4-dihydro-2H-1,2,4-benzothiadiazine 1,1-dioxide' 'C10 H11 F N2 O2 S'
CL non-polymer 'CHLORIDE ION' 'Cl -1'
GOL non-polymer GLYCEROL 'C3 H8 O3'
KAI non-polymer 3-(CARBOXYMETHYL)-4-ISOPROPENYLPROLINE 'C10 H15 N O4'
SO4 non-polymer 'SULFATE ION' 'O4 S -2'
#
# COMPACT_ATOMS: atom_id res chain seq x y z
N ARG A 4 -22.93 4.68 -23.15
CA ARG A 4 -21.82 5.48 -22.62
C ARG A 4 -20.52 4.69 -22.61
N THR A 5 -19.51 5.23 -23.29
CA THR A 5 -18.21 4.58 -23.38
C THR A 5 -17.14 5.49 -22.76
N LEU A 6 -16.49 5.02 -21.70
CA LEU A 6 -15.43 5.81 -21.06
C LEU A 6 -14.17 5.82 -21.91
N ILE A 7 -13.49 6.95 -21.92
CA ILE A 7 -12.20 7.05 -22.59
C ILE A 7 -11.12 6.79 -21.54
N VAL A 8 -10.27 5.81 -21.80
CA VAL A 8 -9.23 5.43 -20.84
C VAL A 8 -7.89 5.80 -21.43
N THR A 9 -7.21 6.74 -20.80
CA THR A 9 -5.88 7.11 -21.29
C THR A 9 -4.88 6.17 -20.65
N THR A 10 -3.87 5.77 -21.43
CA THR A 10 -2.86 4.85 -20.95
C THR A 10 -1.58 5.06 -21.74
N ILE A 11 -0.57 4.26 -21.45
CA ILE A 11 0.72 4.43 -22.09
C ILE A 11 1.37 3.06 -22.26
N LEU A 12 2.14 2.89 -23.33
CA LEU A 12 2.85 1.62 -23.55
C LEU A 12 3.96 1.43 -22.51
N GLU A 13 3.89 0.31 -21.79
CA GLU A 13 4.88 -0.05 -20.76
C GLU A 13 4.70 -1.52 -20.38
N GLU A 14 5.73 -2.33 -20.60
CA GLU A 14 5.73 -3.77 -20.24
C GLU A 14 5.71 -3.94 -18.72
N PRO A 15 4.89 -4.85 -18.19
CA PRO A 15 3.91 -5.69 -18.88
C PRO A 15 2.50 -5.12 -18.69
N TYR A 16 2.39 -3.83 -18.46
CA TYR A 16 1.10 -3.21 -18.18
C TYR A 16 0.25 -3.03 -19.42
N VAL A 17 0.85 -2.43 -20.44
CA VAL A 17 0.16 -2.21 -21.72
C VAL A 17 1.16 -2.46 -22.83
N MET A 18 0.85 -3.41 -23.70
CA MET A 18 1.75 -3.80 -24.78
C MET A 18 0.97 -3.99 -26.07
N TYR A 19 1.63 -3.71 -27.20
CA TYR A 19 1.07 -4.03 -28.51
C TYR A 19 1.01 -5.53 -28.68
N ARG A 20 -0.21 -6.05 -28.89
CA ARG A 20 -0.41 -7.46 -29.18
CA ARG A 20 -0.41 -7.46 -29.15
C ARG A 20 0.30 -7.83 -30.46
N LYS A 21 0.85 -9.03 -30.52
CA LYS A 21 1.56 -9.48 -31.73
C LYS A 21 0.54 -10.00 -32.74
N SER A 22 0.63 -9.52 -33.98
CA SER A 22 -0.22 -10.05 -35.06
C SER A 22 0.37 -9.83 -36.45
N ASP A 23 -0.04 -10.68 -37.38
CA ASP A 23 0.43 -10.60 -38.76
C ASP A 23 -0.52 -9.75 -39.61
N LYS A 24 -1.66 -9.37 -39.02
CA LYS A 24 -2.61 -8.47 -39.66
C LYS A 24 -2.91 -7.29 -38.74
N PRO A 25 -3.33 -6.15 -39.32
CA PRO A 25 -3.63 -4.96 -38.51
C PRO A 25 -4.69 -5.23 -37.45
N LEU A 26 -4.47 -4.68 -36.26
CA LEU A 26 -5.42 -4.79 -35.16
C LEU A 26 -6.12 -3.45 -34.92
N TYR A 27 -7.31 -3.50 -34.32
CA TYR A 27 -8.14 -2.32 -34.17
C TYR A 27 -8.70 -2.18 -32.76
N GLY A 28 -8.84 -0.93 -32.31
CA GLY A 28 -9.50 -0.67 -31.04
C GLY A 28 -8.80 -1.31 -29.87
N ASN A 29 -9.56 -1.75 -28.86
CA ASN A 29 -8.97 -2.31 -27.65
C ASN A 29 -8.15 -3.57 -27.94
N ASP A 30 -8.47 -4.24 -29.03
CA ASP A 30 -7.78 -5.47 -29.41
C ASP A 30 -6.29 -5.27 -29.78
N ARG A 31 -5.89 -4.03 -29.99
CA ARG A 31 -4.47 -3.74 -30.28
C ARG A 31 -3.58 -4.05 -29.09
N PHE A 32 -4.16 -4.01 -27.88
CA PHE A 32 -3.38 -4.04 -26.65
C PHE A 32 -3.61 -5.27 -25.80
N GLU A 33 -2.61 -5.62 -24.99
CA GLU A 33 -2.77 -6.63 -23.96
C GLU A 33 -1.87 -6.25 -22.78
N GLY A 34 -2.11 -6.88 -21.63
CA GLY A 34 -1.23 -6.66 -20.49
C GLY A 34 -1.97 -6.62 -19.19
N TYR A 35 -1.23 -6.39 -18.10
CA TYR A 35 -1.84 -6.33 -16.79
C TYR A 35 -2.96 -5.30 -16.74
N CYS A 36 -2.74 -4.13 -17.35
CA CYS A 36 -3.73 -3.06 -17.24
C CYS A 36 -4.98 -3.33 -18.06
N LEU A 37 -4.84 -4.07 -19.14
CA LEU A 37 -5.99 -4.50 -19.92
C LEU A 37 -6.80 -5.52 -19.14
N ASP A 38 -6.12 -6.40 -18.39
CA ASP A 38 -6.81 -7.39 -17.55
C ASP A 38 -7.54 -6.69 -16.39
N LEU A 39 -6.89 -5.69 -15.79
CA LEU A 39 -7.51 -4.92 -14.73
C LEU A 39 -8.77 -4.21 -15.22
N LEU A 40 -8.66 -3.58 -16.39
CA LEU A 40 -9.80 -2.88 -17.01
C LEU A 40 -10.98 -3.80 -17.23
N LYS A 41 -10.68 -5.01 -17.69
CA LYS A 41 -11.71 -6.01 -17.92
C LYS A 41 -12.43 -6.35 -16.60
N GLU A 42 -11.65 -6.56 -15.55
CA GLU A 42 -12.22 -6.89 -14.24
C GLU A 42 -13.01 -5.73 -13.66
N LEU A 43 -12.51 -4.50 -13.84
CA LEU A 43 -13.20 -3.32 -13.33
C LEU A 43 -14.53 -3.13 -14.05
N SER A 44 -14.52 -3.26 -15.36
CA SER A 44 -15.73 -3.08 -16.15
C SER A 44 -16.74 -4.20 -15.88
N ASN A 45 -16.25 -5.40 -15.57
CA ASN A 45 -17.13 -6.48 -15.15
C ASN A 45 -17.93 -6.08 -13.92
N ILE A 46 -17.23 -5.57 -12.91
CA ILE A 46 -17.85 -5.24 -11.64
C ILE A 46 -18.76 -4.01 -11.74
N LEU A 47 -18.31 -2.98 -12.44
CA LEU A 47 -19.01 -1.70 -12.44
C LEU A 47 -19.97 -1.54 -13.62
N GLY A 48 -19.73 -2.30 -14.68
CA GLY A 48 -20.61 -2.31 -15.84
C GLY A 48 -20.49 -1.08 -16.73
N PHE A 49 -19.27 -0.72 -17.12
CA PHE A 49 -19.06 0.33 -18.10
C PHE A 49 -18.37 -0.20 -19.35
N LEU A 50 -18.59 0.46 -20.48
CA LEU A 50 -17.82 0.18 -21.69
C LEU A 50 -16.67 1.18 -21.74
N TYR A 51 -15.61 0.82 -22.46
CA TYR A 51 -14.44 1.67 -22.47
C TYR A 51 -13.67 1.58 -23.78
N ASP A 52 -13.01 2.69 -24.10
CA ASP A 52 -12.15 2.77 -25.26
CA ASP A 52 -12.14 2.76 -25.27
C ASP A 52 -10.74 3.17 -24.80
N VAL A 53 -9.77 2.29 -25.01
CA VAL A 53 -8.39 2.55 -24.61
C VAL A 53 -7.73 3.47 -25.64
N LYS A 54 -7.11 4.56 -25.17
CA LYS A 54 -6.44 5.49 -26.06
C LYS A 54 -5.06 5.89 -25.55
N LEU A 55 -4.01 5.62 -26.33
CA LEU A 55 -2.66 6.00 -25.91
C LEU A 55 -2.55 7.53 -25.73
N VAL A 56 -1.93 7.95 -24.64
CA VAL A 56 -1.70 9.37 -24.40
C VAL A 56 -0.88 9.95 -25.55
N PRO A 57 -1.38 11.03 -26.17
CA PRO A 57 -0.73 11.52 -27.40
C PRO A 57 0.74 11.94 -27.23
N ASP A 58 1.10 12.56 -26.11
CA ASP A 58 2.50 12.99 -25.96
C ASP A 58 3.42 11.91 -25.37
N GLY A 59 2.85 10.73 -25.07
CA GLY A 59 3.63 9.63 -24.55
C GLY A 59 4.25 9.86 -23.17
N LYS A 60 3.61 10.71 -22.36
CA LYS A 60 4.15 11.05 -21.03
C LYS A 60 3.20 10.60 -19.92
N TYR A 61 3.74 10.43 -18.71
CA TYR A 61 2.94 10.05 -17.55
C TYR A 61 2.25 11.29 -16.96
N GLY A 62 3.03 12.32 -16.69
CA GLY A 62 2.48 13.55 -16.15
C GLY A 62 3.41 14.21 -15.16
N ALA A 63 4.02 15.31 -15.60
CA ALA A 63 4.88 16.09 -14.73
C ALA A 63 4.63 17.56 -15.03
N GLN A 64 5.08 18.43 -14.13
CA GLN A 64 4.99 19.87 -14.32
C GLN A 64 6.26 20.45 -14.95
N ASN A 65 6.09 21.46 -15.80
CA ASN A 65 7.25 22.16 -16.36
C ASN A 65 7.62 23.38 -15.52
N ASP A 66 8.51 24.22 -16.04
CA ASP A 66 8.94 25.44 -15.34
C ASP A 66 7.77 26.36 -14.96
N LYS A 67 6.74 26.37 -15.80
CA LYS A 67 5.60 27.27 -15.62
C LYS A 67 4.45 26.62 -14.84
N GLY A 68 4.68 25.40 -14.34
CA GLY A 68 3.65 24.68 -13.61
C GLY A 68 2.58 24.02 -14.47
N GLU A 69 2.85 23.95 -15.78
CA GLU A 69 1.91 23.31 -16.70
C GLU A 69 2.10 21.80 -16.68
N TRP A 70 0.99 21.07 -16.78
CA TRP A 70 1.03 19.61 -16.76
C TRP A 70 1.04 19.01 -18.16
N ASN A 71 1.61 17.82 -18.29
CA ASN A 71 1.56 17.08 -19.54
C ASN A 71 1.05 15.66 -19.31
N GLY A 72 1.10 14.84 -20.36
CA GLY A 72 0.84 13.41 -20.23
C GLY A 72 -0.57 13.02 -19.83
N MET A 73 -0.68 11.85 -19.21
CA MET A 73 -1.98 11.32 -18.81
C MET A 73 -2.64 12.21 -17.76
N VAL A 74 -1.83 12.79 -16.88
CA VAL A 74 -2.36 13.69 -15.86
C VAL A 74 -3.08 14.86 -16.51
N LYS A 75 -2.45 15.43 -17.55
CA LYS A 75 -3.06 16.54 -18.27
C LYS A 75 -4.33 16.13 -19.01
N GLU A 76 -4.33 14.92 -19.56
CA GLU A 76 -5.55 14.41 -20.21
C GLU A 76 -6.72 14.37 -19.23
N LEU A 77 -6.45 13.99 -17.99
CA LEU A 77 -7.47 13.94 -16.96
C LEU A 77 -7.91 15.37 -16.59
N ILE A 78 -6.95 16.24 -16.34
CA ILE A 78 -7.24 17.61 -15.94
C ILE A 78 -8.12 18.31 -16.99
N ASP A 79 -7.84 18.05 -18.27
CA ASP A 79 -8.59 18.69 -19.35
C ASP A 79 -9.88 17.96 -19.74
N HIS A 80 -10.21 16.91 -19.01
CA HIS A 80 -11.37 16.09 -19.31
C HIS A 80 -11.36 15.54 -20.74
N ARG A 81 -10.19 15.14 -21.21
CA ARG A 81 -10.11 14.41 -22.46
C ARG A 81 -10.08 12.90 -22.21
N ALA A 82 -10.02 12.51 -20.93
CA ALA A 82 -10.14 11.10 -20.57
C ALA A 82 -10.96 10.97 -19.29
N ASP A 83 -11.62 9.83 -19.13
CA ASP A 83 -12.40 9.57 -17.91
C ASP A 83 -11.54 8.89 -16.85
N LEU A 84 -10.66 8.00 -17.28
CA LEU A 84 -9.78 7.26 -16.36
C LEU A 84 -8.38 7.20 -16.94
N ALA A 85 -7.38 7.12 -16.08
CA ALA A 85 -6.04 6.72 -16.52
C ALA A 85 -5.73 5.40 -15.85
N VAL A 86 -5.46 4.38 -16.66
CA VAL A 86 -5.11 3.07 -16.14
C VAL A 86 -3.72 2.70 -16.69
N ALA A 87 -2.73 2.74 -15.81
CA ALA A 87 -1.32 2.64 -16.18
C ALA A 87 -0.50 2.55 -14.89
N PRO A 88 0.80 2.25 -14.98
CA PRO A 88 1.59 2.33 -13.74
C PRO A 88 1.85 3.77 -13.36
N LEU A 89 0.76 4.47 -13.04
CA LEU A 89 0.81 5.88 -12.68
C LEU A 89 0.98 6.00 -11.16
N THR A 90 2.18 6.39 -10.76
CA THR A 90 2.54 6.47 -9.35
C THR A 90 1.72 7.51 -8.59
N ILE A 91 1.16 7.10 -7.46
CA ILE A 91 0.44 8.04 -6.60
C ILE A 91 1.48 8.94 -5.94
N THR A 92 1.38 10.23 -6.20
CA THR A 92 2.32 11.19 -5.61
C THR A 92 1.58 12.43 -5.12
N TYR A 93 2.22 13.12 -4.19
CA TYR A 93 1.71 14.37 -3.64
C TYR A 93 1.35 15.36 -4.76
N VAL A 94 2.29 15.62 -5.66
CA VAL A 94 2.02 16.64 -6.67
C VAL A 94 0.87 16.27 -7.62
N ARG A 95 0.76 15.00 -7.96
CA ARG A 95 -0.31 14.56 -8.84
C ARG A 95 -1.67 14.53 -8.14
N GLU A 96 -1.69 14.07 -6.89
CA GLU A 96 -2.95 13.94 -6.15
C GLU A 96 -3.63 15.30 -5.93
N LYS A 97 -2.83 16.37 -5.94
CA LYS A 97 -3.40 17.70 -5.80
C LYS A 97 -4.20 18.14 -7.02
N VAL A 98 -3.90 17.57 -8.18
CA VAL A 98 -4.52 17.99 -9.44
C VAL A 98 -5.48 17.00 -10.10
N ILE A 99 -5.42 15.73 -9.71
CA ILE A 99 -6.37 14.70 -10.16
C ILE A 99 -6.83 13.89 -8.94
N ASP A 100 -7.88 13.08 -9.10
CA ASP A 100 -8.33 12.19 -8.01
C ASP A 100 -7.91 10.74 -8.29
N PHE A 101 -7.01 10.20 -7.48
CA PHE A 101 -6.58 8.81 -7.63
C PHE A 101 -7.53 7.87 -6.90
N SER A 102 -7.76 6.69 -7.48
CA SER A 102 -8.39 5.61 -6.72
C SER A 102 -7.42 5.12 -5.66
N LYS A 103 -7.89 4.25 -4.78
CA LYS A 103 -6.97 3.54 -3.89
C LYS A 103 -6.03 2.69 -4.75
N PRO A 104 -4.84 2.37 -4.22
CA PRO A 104 -3.85 1.66 -5.03
C PRO A 104 -4.26 0.24 -5.41
N PHE A 105 -3.97 -0.14 -6.65
CA PHE A 105 -4.19 -1.52 -7.09
C PHE A 105 -2.90 -2.35 -7.07
N MET A 106 -1.78 -1.70 -6.78
CA MET A 106 -0.48 -2.39 -6.72
C MET A 106 0.47 -1.58 -5.85
N THR A 107 1.26 -2.24 -5.01
CA THR A 107 2.23 -1.52 -4.19
C THR A 107 3.61 -1.53 -4.84
N LEU A 108 4.42 -0.53 -4.52
CA LEU A 108 5.81 -0.51 -4.99
C LEU A 108 6.64 0.45 -4.14
N GLY A 109 7.95 0.36 -4.28
CA GLY A 109 8.85 1.33 -3.70
C GLY A 109 9.99 1.57 -4.66
N ILE A 110 10.67 2.70 -4.52
CA ILE A 110 11.88 2.93 -5.30
C ILE A 110 12.97 2.01 -4.77
N SER A 111 13.70 1.38 -5.68
CA SER A 111 14.83 0.55 -5.29
C SER A 111 15.91 0.63 -6.36
N ILE A 112 16.90 -0.24 -6.29
CA ILE A 112 18.05 -0.17 -7.19
C ILE A 112 18.15 -1.41 -8.06
N LEU A 113 18.26 -1.19 -9.38
CA LEU A 113 18.54 -2.26 -10.32
C LEU A 113 20.03 -2.23 -10.70
N TYR A 114 20.72 -3.35 -10.53
CA TYR A 114 22.16 -3.39 -10.79
C TYR A 114 22.51 -4.80 -11.22
N ARG A 115 23.72 -5.01 -11.73
CA ARG A 115 24.11 -6.37 -12.09
C ARG A 115 24.41 -7.16 -10.81
N LYS A 116 24.31 -8.49 -10.89
CA LYS A 116 24.63 -9.35 -9.75
C LYS A 116 26.14 -9.46 -9.50
N GLY A 117 26.50 -9.89 -8.29
CA GLY A 117 27.88 -10.23 -7.97
C GLY A 117 28.82 -9.09 -7.60
N THR A 118 28.26 -7.98 -7.13
CA THR A 118 29.07 -6.83 -6.75
C THR A 118 28.95 -6.65 -5.25
N PRO A 119 29.83 -5.82 -4.64
CA PRO A 119 29.71 -5.62 -3.19
C PRO A 119 28.68 -4.54 -2.80
N ILE A 120 27.99 -3.95 -3.77
CA ILE A 120 27.04 -2.87 -3.48
C ILE A 120 25.77 -3.44 -2.83
N ASP A 121 25.34 -2.85 -1.71
CA ASP A 121 24.24 -3.42 -0.96
C ASP A 121 23.12 -2.43 -0.60
N SER A 122 23.33 -1.16 -0.88
CA SER A 122 22.36 -0.15 -0.47
C SER A 122 22.56 1.15 -1.21
N ALA A 123 21.59 2.06 -1.08
CA ALA A 123 21.73 3.39 -1.66
C ALA A 123 22.89 4.14 -1.02
N ASP A 124 23.13 3.92 0.27
CA ASP A 124 24.24 4.55 0.96
CA ASP A 124 24.24 4.55 0.96
C ASP A 124 25.55 4.21 0.26
N ASP A 125 25.68 2.97 -0.19
CA ASP A 125 26.90 2.54 -0.89
C ASP A 125 27.11 3.33 -2.17
N LEU A 126 26.03 3.61 -2.89
CA LEU A 126 26.15 4.39 -4.12
C LEU A 126 26.46 5.86 -3.80
N ALA A 127 25.75 6.39 -2.80
CA ALA A 127 25.85 7.81 -2.43
C ALA A 127 27.27 8.26 -2.10
N LYS A 128 28.00 7.41 -1.38
CA LYS A 128 29.33 7.77 -0.86
C LYS A 128 30.47 7.64 -1.87
N GLN A 129 30.15 7.31 -3.12
CA GLN A 129 31.19 7.12 -4.13
C GLN A 129 30.82 7.72 -5.49
N THR A 130 31.75 7.71 -6.43
CA THR A 130 31.50 8.34 -7.73
C THR A 130 31.92 7.47 -8.93
N LYS A 131 32.60 6.36 -8.68
CA LYS A 131 33.04 5.46 -9.75
C LYS A 131 31.85 4.80 -10.47
N ILE A 132 30.91 4.27 -9.69
CA ILE A 132 29.71 3.68 -10.25
C ILE A 132 28.70 4.79 -10.53
N GLU A 133 28.26 4.92 -11.77
CA GLU A 133 27.25 5.94 -12.07
C GLU A 133 25.87 5.39 -11.73
N TYR A 134 24.94 6.29 -11.40
CA TYR A 134 23.59 5.88 -11.09
C TYR A 134 22.62 7.00 -11.42
N GLY A 135 21.39 6.63 -11.77
CA GLY A 135 20.43 7.63 -12.18
C GLY A 135 19.05 7.04 -12.24
N ALA A 136 18.13 7.75 -12.89
CA ALA A 136 16.73 7.36 -12.95
C ALA A 136 16.16 7.89 -14.26
N VAL A 137 14.93 7.51 -14.57
CA VAL A 137 14.27 8.06 -15.76
C VAL A 137 13.97 9.53 -15.56
N ARG A 138 14.45 10.35 -16.48
CA ARG A 138 14.29 11.80 -16.39
C ARG A 138 12.82 12.20 -16.28
N ASP A 139 12.53 13.05 -15.29
CA ASP A 139 11.20 13.62 -15.05
C ASP A 139 10.11 12.66 -14.54
N GLY A 140 10.45 11.41 -14.27
CA GLY A 140 9.51 10.47 -13.65
C GLY A 140 9.37 10.72 -12.16
N SER A 141 8.53 9.96 -11.48
CA SER A 141 8.31 10.18 -10.05
CA SER A 141 8.31 10.17 -10.05
C SER A 141 9.52 9.80 -9.21
N THR A 142 10.36 8.89 -9.73
CA THR A 142 11.58 8.52 -9.02
C THR A 142 12.58 9.68 -8.98
N MET A 143 12.80 10.30 -10.14
CA MET A 143 13.67 11.46 -10.21
C MET A 143 13.12 12.57 -9.32
N THR A 144 11.82 12.75 -9.34
CA THR A 144 11.22 13.80 -8.52
C THR A 144 11.41 13.56 -7.03
N PHE A 145 11.30 12.29 -6.61
CA PHE A 145 11.54 11.97 -5.21
C PHE A 145 12.94 12.43 -4.78
N PHE A 146 13.94 12.16 -5.61
CA PHE A 146 15.30 12.56 -5.27
C PHE A 146 15.49 14.07 -5.31
N LYS A 147 14.89 14.70 -6.31
CA LYS A 147 14.98 16.15 -6.44
C LYS A 147 14.44 16.86 -5.19
N LYS A 148 13.38 16.32 -4.60
CA LYS A 148 12.71 16.98 -3.48
C LYS A 148 13.17 16.54 -2.09
N SER A 149 13.91 15.45 -2.01
CA SER A 149 14.22 14.87 -0.70
C SER A 149 15.18 15.76 0.11
N LYS A 150 14.99 15.79 1.43
CA LYS A 150 15.90 16.49 2.32
C LYS A 150 16.68 15.52 3.20
N ILE A 151 16.51 14.23 2.93
CA ILE A 151 17.31 13.20 3.58
C ILE A 151 18.72 13.32 2.99
N SER A 152 19.73 13.45 3.84
CA SER A 152 21.09 13.75 3.38
C SER A 152 21.62 12.76 2.31
N THR A 153 21.38 11.46 2.50
CA THR A 153 21.83 10.47 1.52
C THR A 153 21.21 10.73 0.14
N TYR A 154 19.93 11.07 0.12
CA TYR A 154 19.20 11.25 -1.13
C TYR A 154 19.49 12.61 -1.75
N GLU A 155 19.80 13.61 -0.93
CA GLU A 155 20.27 14.90 -1.45
C GLU A 155 21.61 14.72 -2.15
N LYS A 156 22.46 13.90 -1.53
CA LYS A 156 23.76 13.61 -2.11
C LYS A 156 23.60 12.91 -3.46
N MET A 157 22.66 11.98 -3.52
CA MET A 157 22.42 11.25 -4.77
C MET A 157 21.83 12.17 -5.85
N TRP A 158 20.96 13.09 -5.44
CA TRP A 158 20.40 14.04 -6.40
C TRP A 158 21.48 15.00 -6.93
N ALA A 159 22.38 15.41 -6.05
CA ALA A 159 23.50 16.25 -6.48
C ALA A 159 24.30 15.54 -7.57
N PHE A 160 24.56 14.25 -7.38
CA PHE A 160 25.27 13.45 -8.38
C PHE A 160 24.47 13.26 -9.68
N MET A 161 23.21 12.85 -9.54
CA MET A 161 22.36 12.58 -10.71
C MET A 161 22.18 13.80 -11.58
N SER A 162 22.05 14.96 -10.93
CA SER A 162 21.78 16.20 -11.66
C SER A 162 23.06 16.86 -12.20
N SER A 163 24.22 16.36 -11.80
CA SER A 163 25.49 16.97 -12.22
C SER A 163 25.75 16.71 -13.69
N ARG A 164 26.65 17.50 -14.28
CA ARG A 164 27.12 17.28 -15.66
C ARG A 164 25.96 17.19 -16.64
N GLN A 165 25.01 18.12 -16.52
CA GLN A 165 23.84 18.20 -17.40
C GLN A 165 23.02 16.91 -17.39
N GLN A 166 22.91 16.30 -16.20
CA GLN A 166 22.06 15.12 -16.00
C GLN A 166 22.47 13.95 -16.89
N SER A 167 23.77 13.80 -17.14
CA SER A 167 24.23 12.72 -18.00
C SER A 167 23.93 11.34 -17.38
N ALA A 168 23.74 11.30 -16.06
CA ALA A 168 23.46 10.05 -15.38
C ALA A 168 22.00 9.61 -15.49
N LEU A 169 21.14 10.49 -16.00
CA LEU A 169 19.72 10.16 -16.17
C LEU A 169 19.49 9.48 -17.51
N VAL A 170 18.37 8.78 -17.64
CA VAL A 170 18.04 8.12 -18.90
C VAL A 170 16.66 8.58 -19.34
N LYS A 171 16.33 8.37 -20.62
CA LYS A 171 15.05 8.85 -21.15
C LYS A 171 13.89 7.92 -20.80
N ASN A 172 14.16 6.62 -20.69
CA ASN A 172 13.11 5.64 -20.41
C ASN A 172 13.71 4.41 -19.76
N SER A 173 12.87 3.51 -19.26
CA SER A 173 13.37 2.36 -18.52
C SER A 173 14.22 1.42 -19.37
N ASP A 174 13.85 1.21 -20.62
CA ASP A 174 14.60 0.32 -21.49
C ASP A 174 16.04 0.80 -21.70
N GLU A 175 16.18 2.11 -21.87
CA GLU A 175 17.51 2.69 -22.00
C GLU A 175 18.28 2.47 -20.70
N GLY A 176 17.60 2.67 -19.58
CA GLY A 176 18.20 2.41 -18.28
C GLY A 176 18.67 0.96 -18.17
N ILE A 177 17.81 0.03 -18.53
CA ILE A 177 18.16 -1.39 -18.41
C ILE A 177 19.38 -1.73 -19.26
N GLN A 178 19.43 -1.22 -20.48
CA GLN A 178 20.58 -1.52 -21.35
C GLN A 178 21.86 -0.93 -20.79
N ARG A 179 21.74 0.25 -20.18
CA ARG A 179 22.90 0.91 -19.58
C ARG A 179 23.43 0.09 -18.39
N VAL A 180 22.53 -0.47 -17.60
CA VAL A 180 22.93 -1.34 -16.49
C VAL A 180 23.63 -2.60 -17.03
N LEU A 181 23.09 -3.17 -18.10
CA LEU A 181 23.62 -4.41 -18.67
C LEU A 181 25.02 -4.25 -19.27
N THR A 182 25.32 -3.06 -19.79
CA THR A 182 26.53 -2.86 -20.59
C THR A 182 27.68 -2.16 -19.86
N THR A 183 27.33 -1.26 -18.94
CA THR A 183 28.32 -0.37 -18.32
C THR A 183 28.26 -0.46 -16.81
N ASP A 184 29.13 0.25 -16.09
CA ASP A 184 29.06 0.19 -14.63
C ASP A 184 28.05 1.24 -14.14
N TYR A 185 26.78 0.87 -14.19
CA TYR A 185 25.69 1.80 -13.97
C TYR A 185 24.58 1.12 -13.17
N ALA A 186 24.00 1.86 -12.23
CA ALA A 186 22.88 1.34 -11.44
C ALA A 186 21.67 2.23 -11.70
N LEU A 187 20.50 1.61 -11.87
CA LEU A 187 19.30 2.37 -12.15
C LEU A 187 18.38 2.41 -10.95
N LEU A 188 17.93 3.61 -10.58
CA LEU A 188 16.92 3.76 -9.54
C LEU A 188 15.57 3.61 -10.22
N MET A 189 14.80 2.62 -9.77
CA MET A 189 13.67 2.09 -10.53
C MET A 189 12.60 1.60 -9.56
N GLU A 190 11.34 1.68 -9.95
CA GLU A 190 10.27 1.20 -9.08
C GLU A 190 10.36 -0.33 -8.94
N SER A 191 10.08 -0.85 -7.74
CA SER A 191 10.39 -2.24 -7.43
C SER A 191 9.62 -3.25 -8.27
N THR A 192 8.40 -2.87 -8.67
CA THR A 192 7.58 -3.70 -9.55
C THR A 192 8.25 -3.90 -10.91
N SER A 193 8.80 -2.83 -11.45
CA SER A 193 9.55 -2.94 -12.70
C SER A 193 10.84 -3.74 -12.51
N ILE A 194 11.50 -3.56 -11.38
CA ILE A 194 12.70 -4.35 -11.09
C ILE A 194 12.37 -5.85 -11.05
N GLU A 195 11.25 -6.21 -10.42
CA GLU A 195 10.83 -7.62 -10.34
C GLU A 195 10.62 -8.19 -11.73
N TYR A 196 9.94 -7.42 -12.57
CA TYR A 196 9.68 -7.85 -13.94
C TYR A 196 10.97 -8.09 -14.70
N VAL A 197 11.90 -7.14 -14.55
CA VAL A 197 13.17 -7.20 -15.29
C VAL A 197 14.06 -8.35 -14.82
N THR A 198 14.16 -8.54 -13.50
CA THR A 198 15.04 -9.57 -12.97
C THR A 198 14.50 -10.98 -13.19
N GLN A 199 13.19 -11.10 -13.44
CA GLN A 199 12.62 -12.38 -13.85
C GLN A 199 13.09 -12.76 -15.25
N ARG A 200 13.51 -11.76 -16.04
CA ARG A 200 13.83 -11.99 -17.45
C ARG A 200 15.30 -11.76 -17.79
N ASN A 201 16.04 -11.18 -16.86
CA ASN A 201 17.48 -10.96 -17.06
C ASN A 201 18.22 -11.54 -15.87
N CYS A 202 18.70 -12.77 -16.00
CA CYS A 202 19.30 -13.48 -14.87
C CYS A 202 20.60 -12.87 -14.34
N ASN A 203 21.16 -11.91 -15.07
CA ASN A 203 22.38 -11.24 -14.65
CA ASN A 203 22.37 -11.27 -14.59
C ASN A 203 22.10 -9.99 -13.79
N LEU A 204 20.83 -9.65 -13.61
CA LEU A 204 20.45 -8.45 -12.86
C LEU A 204 19.75 -8.79 -11.55
N THR A 205 19.79 -7.85 -10.61
CA THR A 205 19.18 -8.08 -9.31
C THR A 205 18.77 -6.75 -8.68
N GLN A 206 17.86 -6.83 -7.72
CA GLN A 206 17.53 -5.66 -6.92
C GLN A 206 18.64 -5.49 -5.87
N ILE A 207 19.05 -4.25 -5.63
CA ILE A 207 20.06 -3.97 -4.61
C ILE A 207 19.39 -3.30 -3.43
N GLY A 208 19.46 -3.91 -2.26
CA GLY A 208 18.88 -3.32 -1.08
C GLY A 208 17.36 -3.48 -1.04
N GLY A 209 16.72 -2.76 -0.13
CA GLY A 209 15.28 -2.85 0.01
C GLY A 209 14.61 -1.68 -0.70
N LEU A 210 13.39 -1.37 -0.27
CA LEU A 210 12.63 -0.27 -0.85
C LEU A 210 12.93 1.00 -0.05
N ILE A 211 13.19 2.09 -0.77
CA ILE A 211 13.56 3.30 -0.06
CA ILE A 211 13.57 3.38 -0.20
C ILE A 211 12.36 4.18 0.27
N ASP A 212 11.22 3.93 -0.38
CA ASP A 212 9.97 4.57 0.00
C ASP A 212 8.82 3.56 -0.12
N SER A 213 7.58 4.01 0.04
CA SER A 213 6.45 3.10 0.03
C SER A 213 5.25 3.80 -0.60
N LYS A 214 4.79 3.29 -1.74
CA LYS A 214 3.66 3.90 -2.42
C LYS A 214 2.96 2.90 -3.31
N GLY A 215 2.23 3.39 -4.30
CA GLY A 215 1.47 2.50 -5.17
C GLY A 215 1.04 3.16 -6.45
N TYR A 216 0.44 2.36 -7.33
CA TYR A 216 -0.19 2.84 -8.54
C TYR A 216 -1.69 2.91 -8.29
N GLY A 217 -2.33 3.99 -8.73
CA GLY A 217 -3.78 4.08 -8.62
C GLY A 217 -4.39 4.43 -9.97
N VAL A 218 -5.68 4.15 -10.13
CA VAL A 218 -6.38 4.63 -11.31
C VAL A 218 -6.63 6.14 -11.20
N GLY A 219 -6.25 6.89 -12.23
CA GLY A 219 -6.44 8.33 -12.20
C GLY A 219 -7.80 8.74 -12.77
N THR A 220 -8.44 9.72 -12.14
CA THR A 220 -9.69 10.28 -12.66
C THR A 220 -9.61 11.79 -12.47
N PRO A 221 -10.40 12.57 -13.24
CA PRO A 221 -10.39 14.02 -12.98
C PRO A 221 -10.93 14.34 -11.61
N ILE A 222 -10.46 15.44 -11.01
CA ILE A 222 -10.99 15.92 -9.73
C ILE A 222 -12.51 15.94 -9.78
N GLY A 223 -13.15 15.36 -8.78
CA GLY A 223 -14.60 15.37 -8.71
C GLY A 223 -15.31 14.25 -9.48
N SER A 224 -14.55 13.36 -10.11
CA SER A 224 -15.15 12.28 -10.88
C SER A 224 -15.99 11.37 -10.01
N PRO A 225 -17.20 11.04 -10.47
CA PRO A 225 -18.09 10.11 -9.76
C PRO A 225 -17.57 8.68 -9.83
N TYR A 226 -16.64 8.40 -10.74
CA TYR A 226 -16.12 7.04 -10.89
C TYR A 226 -15.05 6.67 -9.87
N ARG A 227 -14.33 7.66 -9.35
CA ARG A 227 -13.19 7.39 -8.48
C ARG A 227 -13.56 6.44 -7.33
N ASP A 228 -14.63 6.77 -6.61
CA ASP A 228 -14.98 5.95 -5.45
C ASP A 228 -15.48 4.56 -5.84
N LYS A 229 -16.20 4.47 -6.96
CA LYS A 229 -16.65 3.17 -7.47
C LYS A 229 -15.47 2.29 -7.87
N ILE A 230 -14.51 2.90 -8.58
CA ILE A 230 -13.30 2.20 -8.97
C ILE A 230 -12.56 1.70 -7.72
N THR A 231 -12.45 2.56 -6.73
CA THR A 231 -11.79 2.18 -5.48
C THR A 231 -12.45 0.94 -4.86
N ILE A 232 -13.77 0.97 -4.79
CA ILE A 232 -14.49 -0.15 -4.18
C ILE A 232 -14.32 -1.43 -5.01
N ALA A 233 -14.29 -1.30 -6.34
CA ALA A 233 -14.00 -2.45 -7.20
C ALA A 233 -12.60 -3.02 -6.93
N ILE A 234 -11.61 -2.13 -6.78
CA ILE A 234 -10.24 -2.55 -6.51
C ILE A 234 -10.13 -3.31 -5.18
N LEU A 235 -10.84 -2.84 -4.17
CA LEU A 235 -10.80 -3.49 -2.86
C LEU A 235 -11.42 -4.88 -2.96
N GLN A 236 -12.49 -4.98 -3.73
CA GLN A 236 -13.12 -6.27 -3.99
C GLN A 236 -12.14 -7.22 -4.69
N LEU A 237 -11.47 -6.74 -5.73
CA LEU A 237 -10.49 -7.56 -6.44
C LEU A 237 -9.33 -7.99 -5.56
N GLN A 238 -8.91 -7.11 -4.65
CA GLN A 238 -7.82 -7.46 -3.74
C GLN A 238 -8.27 -8.58 -2.79
N GLU A 239 -9.42 -8.38 -2.16
CA GLU A 239 -9.88 -9.32 -1.15
C GLU A 239 -10.20 -10.70 -1.72
N GLU A 240 -10.53 -10.74 -3.01
CA GLU A 240 -10.83 -12.00 -3.68
C GLU A 240 -9.57 -12.73 -4.19
N GLY A 241 -8.42 -12.08 -4.04
CA GLY A 241 -7.16 -12.68 -4.48
C GLY A 241 -6.89 -12.47 -5.95
N LYS A 242 -7.73 -11.68 -6.62
CA LYS A 242 -7.64 -11.54 -8.07
C LYS A 242 -6.47 -10.65 -8.53
N LEU A 243 -6.19 -9.59 -7.76
CA LEU A 243 -5.08 -8.71 -8.11
C LEU A 243 -3.76 -9.48 -7.98
N HIS A 244 -3.69 -10.34 -6.96
CA HIS A 244 -2.49 -11.14 -6.75
C HIS A 244 -2.29 -12.09 -7.93
N MET A 245 -3.37 -12.73 -8.36
CA MET A 245 -3.30 -13.66 -9.49
C MET A 245 -2.92 -12.95 -10.77
N MET A 246 -3.47 -11.75 -10.98
CA MET A 246 -3.14 -10.99 -12.19
C MET A 246 -1.68 -10.62 -12.25
N LYS A 247 -1.10 -10.28 -11.10
CA LYS A 247 0.31 -9.91 -11.08
C LYS A 247 1.17 -11.12 -11.42
N GLU A 248 0.90 -12.24 -10.75
CA GLU A 248 1.62 -13.48 -11.02
C GLU A 248 1.60 -13.84 -12.51
N LYS A 249 0.44 -13.67 -13.14
CA LYS A 249 0.26 -14.02 -14.54
C LYS A 249 1.22 -13.26 -15.44
N TRP A 250 1.35 -11.95 -15.21
CA TRP A 250 2.17 -11.10 -16.07
C TRP A 250 3.63 -10.94 -15.64
N TRP A 251 3.93 -11.22 -14.37
CA TRP A 251 5.28 -11.03 -13.86
C TRP A 251 6.18 -12.27 -14.01
N ARG A 252 5.59 -13.45 -13.82
CA ARG A 252 6.37 -14.70 -13.75
C ARG A 252 7.17 -14.93 -15.01
N GLY A 253 8.48 -15.10 -14.86
CA GLY A 253 9.36 -15.41 -15.98
C GLY A 253 9.64 -16.90 -16.11
N ASN A 254 10.59 -17.26 -16.98
CA ASN A 254 10.91 -18.66 -17.23
C ASN A 254 11.79 -19.32 -16.15
N GLY A 255 12.11 -18.58 -15.11
CA GLY A 255 13.01 -19.08 -14.07
C GLY A 255 14.47 -18.80 -14.43
N CYS A 256 15.33 -18.75 -13.42
CA CYS A 256 16.74 -18.44 -13.65
C CYS A 256 17.67 -19.56 -13.18
N ARG B 4 -13.66 25.17 13.74
CA ARG B 4 -14.17 24.21 14.69
C ARG B 4 -13.12 23.14 15.02
N THR B 5 -13.02 22.78 16.29
CA THR B 5 -12.14 21.70 16.73
C THR B 5 -12.71 20.36 16.23
N LEU B 6 -11.87 19.56 15.58
CA LEU B 6 -12.32 18.27 15.05
C LEU B 6 -12.35 17.21 16.15
N ILE B 7 -13.41 16.40 16.17
CA ILE B 7 -13.51 15.28 17.08
CA ILE B 7 -13.48 15.28 17.09
C ILE B 7 -12.85 14.06 16.42
N VAL B 8 -11.85 13.49 17.07
CA VAL B 8 -11.16 12.34 16.52
C VAL B 8 -11.52 11.08 17.31
N THR B 9 -12.15 10.10 16.67
CA THR B 9 -12.45 8.85 17.35
C THR B 9 -11.26 7.90 17.21
N THR B 10 -10.95 7.19 18.28
CA THR B 10 -9.84 6.25 18.26
C THR B 10 -10.10 5.15 19.28
N ILE B 11 -9.12 4.26 19.42
CA ILE B 11 -9.26 3.12 20.29
C ILE B 11 -7.87 2.77 20.84
N LEU B 12 -7.81 2.32 22.09
CA LEU B 12 -6.52 1.92 22.68
C LEU B 12 -6.01 0.66 21.98
N GLU B 13 -4.77 0.73 21.48
CA GLU B 13 -4.13 -0.42 20.86
C GLU B 13 -2.64 -0.13 20.73
N GLU B 14 -1.80 -0.97 21.33
CA GLU B 14 -0.36 -0.70 21.33
C GLU B 14 0.22 -1.07 19.96
N PRO B 15 1.12 -0.23 19.42
CA PRO B 15 1.66 1.03 19.92
C PRO B 15 1.03 2.25 19.25
N TYR B 16 -0.19 2.11 18.74
CA TYR B 16 -0.82 3.20 18.01
C TYR B 16 -1.37 4.25 18.96
N VAL B 17 -2.07 3.78 19.99
CA VAL B 17 -2.71 4.68 20.93
C VAL B 17 -2.62 4.03 22.30
N MET B 18 -1.94 4.70 23.23
CA MET B 18 -1.75 4.15 24.57
C MET B 18 -1.94 5.26 25.59
N TYR B 19 -2.29 4.89 26.82
CA TYR B 19 -2.26 5.84 27.93
C TYR B 19 -0.80 6.19 28.30
N ARG B 20 -0.51 7.49 28.38
CA ARG B 20 0.79 7.99 28.87
C ARG B 20 1.00 7.54 30.31
N LYS B 21 2.26 7.40 30.73
CA LYS B 21 2.58 7.13 32.14
C LYS B 21 2.85 8.45 32.86
N SER B 22 2.23 8.64 34.02
CA SER B 22 2.48 9.83 34.84
C SER B 22 2.14 9.54 36.28
N ASP B 23 2.49 10.46 37.18
CA ASP B 23 2.27 10.30 38.62
C ASP B 23 0.97 10.95 39.08
N LYS B 24 0.15 11.42 38.14
CA LYS B 24 -1.07 12.13 38.46
C LYS B 24 -2.08 11.89 37.37
N PRO B 25 -3.38 12.09 37.67
CA PRO B 25 -4.42 11.93 36.65
C PRO B 25 -4.18 12.84 35.44
N LEU B 26 -4.41 12.30 34.25
CA LEU B 26 -4.24 13.03 33.00
C LEU B 26 -5.59 13.35 32.38
N TYR B 27 -5.63 14.42 31.58
CA TYR B 27 -6.87 14.92 31.01
C TYR B 27 -6.72 15.21 29.52
N GLY B 28 -7.80 15.07 28.77
CA GLY B 28 -7.80 15.46 27.36
C GLY B 28 -6.81 14.68 26.51
N ASN B 29 -6.25 15.33 25.50
CA ASN B 29 -5.31 14.69 24.60
C ASN B 29 -4.04 14.23 25.31
N ASP B 30 -3.73 14.87 26.43
CA ASP B 30 -2.53 14.57 27.21
C ASP B 30 -2.59 13.17 27.84
N ARG B 31 -3.76 12.54 27.81
CA ARG B 31 -3.89 11.16 28.29
C ARG B 31 -3.12 10.15 27.42
N PHE B 32 -2.89 10.51 26.16
CA PHE B 32 -2.52 9.51 25.16
C PHE B 32 -1.16 9.76 24.52
N GLU B 33 -0.52 8.69 24.04
CA GLU B 33 0.69 8.80 23.23
C GLU B 33 0.73 7.61 22.29
N GLY B 34 1.61 7.65 21.28
CA GLY B 34 1.75 6.51 20.39
C GLY B 34 1.82 6.95 18.94
N TYR B 35 1.91 5.98 18.03
CA TYR B 35 2.07 6.30 16.62
C TYR B 35 0.96 7.20 16.10
N CYS B 36 -0.29 6.88 16.43
CA CYS B 36 -1.40 7.64 15.86
C CYS B 36 -1.49 9.08 16.39
N LEU B 37 -1.06 9.28 17.63
CA LEU B 37 -1.00 10.64 18.20
C LEU B 37 0.08 11.46 17.50
N ASP B 38 1.19 10.81 17.17
CA ASP B 38 2.22 11.48 16.40
C ASP B 38 1.69 11.82 15.01
N LEU B 39 0.97 10.88 14.40
CA LEU B 39 0.41 11.11 13.08
C LEU B 39 -0.58 12.26 13.12
N LEU B 40 -1.45 12.24 14.13
CA LEU B 40 -2.45 13.30 14.31
C LEU B 40 -1.80 14.67 14.44
N LYS B 41 -0.68 14.71 15.18
CA LYS B 41 0.06 15.95 15.37
C LYS B 41 0.62 16.46 14.06
N GLU B 42 1.18 15.56 13.27
CA GLU B 42 1.72 15.96 11.97
C GLU B 42 0.62 16.42 11.02
N LEU B 43 -0.50 15.70 11.00
CA LEU B 43 -1.62 16.07 10.13
C LEU B 43 -2.19 17.44 10.51
N SER B 44 -2.34 17.68 11.82
CA SER B 44 -2.90 18.95 12.26
C SER B 44 -1.93 20.11 11.98
N ASN B 45 -0.64 19.82 11.97
CA ASN B 45 0.37 20.85 11.67
CA ASN B 45 0.38 20.82 11.66
C ASN B 45 0.35 21.23 10.20
N ILE B 46 0.07 20.26 9.33
CA ILE B 46 0.01 20.52 7.89
C ILE B 46 -1.31 21.20 7.53
N LEU B 47 -2.42 20.69 8.08
CA LEU B 47 -3.73 21.15 7.66
C LEU B 47 -4.28 22.34 8.49
N GLY B 48 -3.72 22.54 9.66
CA GLY B 48 -4.16 23.60 10.55
C GLY B 48 -5.55 23.36 11.13
N PHE B 49 -5.73 22.25 11.83
CA PHE B 49 -6.92 22.05 12.64
C PHE B 49 -6.55 21.73 14.06
N LEU B 50 -7.45 22.05 14.98
CA LEU B 50 -7.35 21.62 16.37
C LEU B 50 -8.16 20.33 16.46
N TYR B 51 -7.87 19.52 17.49
CA TYR B 51 -8.55 18.23 17.62
C TYR B 51 -8.76 17.77 19.06
N ASP B 52 -9.87 17.07 19.28
CA ASP B 52 -10.15 16.43 20.56
C ASP B 52 -10.22 14.92 20.34
N VAL B 53 -9.35 14.18 21.02
CA VAL B 53 -9.30 12.73 20.87
C VAL B 53 -10.34 12.12 21.81
N LYS B 54 -11.20 11.25 21.27
CA LYS B 54 -12.25 10.61 22.06
C LYS B 54 -12.26 9.11 21.80
N LEU B 55 -12.04 8.30 22.84
CA LEU B 55 -12.07 6.86 22.69
C LEU B 55 -13.47 6.44 22.28
N VAL B 56 -13.56 5.52 21.31
CA VAL B 56 -14.85 5.01 20.84
C VAL B 56 -15.60 4.37 22.01
N PRO B 57 -16.84 4.84 22.27
CA PRO B 57 -17.51 4.39 23.50
C PRO B 57 -17.72 2.88 23.59
N ASP B 58 -18.00 2.20 22.48
CA ASP B 58 -18.23 0.76 22.55
C ASP B 58 -16.95 -0.07 22.44
N GLY B 59 -15.82 0.60 22.24
CA GLY B 59 -14.53 -0.07 22.20
C GLY B 59 -14.37 -0.99 21.01
N LYS B 60 -15.04 -0.71 19.89
CA LYS B 60 -14.93 -1.55 18.69
C LYS B 60 -14.41 -0.81 17.46
N TYR B 61 -13.88 -1.56 16.50
CA TYR B 61 -13.37 -0.95 15.28
C TYR B 61 -14.50 -0.59 14.31
N GLY B 62 -15.34 -1.57 13.99
CA GLY B 62 -16.43 -1.31 13.07
C GLY B 62 -16.81 -2.51 12.23
N ALA B 63 -17.97 -3.07 12.55
CA ALA B 63 -18.57 -4.14 11.76
C ALA B 63 -20.08 -4.00 11.83
N GLN B 64 -20.78 -4.78 11.01
CA GLN B 64 -22.24 -4.76 10.96
C GLN B 64 -22.86 -5.91 11.74
N ASN B 65 -24.06 -5.68 12.28
CA ASN B 65 -24.88 -6.78 12.77
C ASN B 65 -25.80 -7.31 11.68
N ASP B 66 -26.62 -8.27 12.05
CA ASP B 66 -27.57 -8.91 11.14
C ASP B 66 -28.54 -7.89 10.52
N LYS B 67 -28.90 -6.87 11.30
CA LYS B 67 -29.78 -5.81 10.81
C LYS B 67 -29.06 -4.85 9.87
N GLY B 68 -27.75 -5.02 9.75
CA GLY B 68 -26.95 -4.16 8.88
C GLY B 68 -26.52 -2.85 9.54
N GLU B 69 -26.77 -2.75 10.84
CA GLU B 69 -26.35 -1.56 11.59
C GLU B 69 -24.87 -1.68 11.96
N TRP B 70 -24.13 -0.60 11.77
CA TRP B 70 -22.70 -0.61 12.08
C TRP B 70 -22.44 -0.24 13.54
N ASN B 71 -21.24 -0.61 14.02
CA ASN B 71 -20.81 -0.21 15.34
C ASN B 71 -19.41 0.40 15.30
N GLY B 72 -18.85 0.65 16.48
CA GLY B 72 -17.45 1.05 16.57
C GLY B 72 -17.13 2.41 15.97
N MET B 73 -15.86 2.59 15.64
CA MET B 73 -15.40 3.86 15.09
C MET B 73 -16.11 4.14 13.77
N VAL B 74 -16.35 3.10 13.00
CA VAL B 74 -17.03 3.29 11.72
C VAL B 74 -18.40 3.93 11.96
N LYS B 75 -19.10 3.48 12.98
CA LYS B 75 -20.43 4.02 13.25
C LYS B 75 -20.36 5.47 13.75
N GLU B 76 -19.35 5.79 14.54
CA GLU B 76 -19.17 7.17 15.00
C GLU B 76 -19.03 8.12 13.79
N LEU B 77 -18.35 7.67 12.75
CA LEU B 77 -18.22 8.50 11.54
C LEU B 77 -19.55 8.58 10.78
N ILE B 78 -20.21 7.43 10.59
CA ILE B 78 -21.48 7.42 9.84
C ILE B 78 -22.49 8.39 10.44
N ASP B 79 -22.59 8.41 11.77
CA ASP B 79 -23.57 9.26 12.45
C ASP B 79 -23.06 10.68 12.68
N HIS B 80 -21.89 10.99 12.15
CA HIS B 80 -21.26 12.30 12.33
C HIS B 80 -21.00 12.68 13.79
N ARG B 81 -20.68 11.66 14.61
CA ARG B 81 -20.28 11.92 15.98
C ARG B 81 -18.76 12.11 16.08
N ALA B 82 -18.07 11.87 14.97
CA ALA B 82 -16.64 12.15 14.90
C ALA B 82 -16.31 12.66 13.51
N ASP B 83 -15.27 13.49 13.40
CA ASP B 83 -14.83 13.99 12.10
C ASP B 83 -13.80 13.07 11.46
N LEU B 84 -12.94 12.47 12.29
CA LEU B 84 -11.89 11.57 11.80
C LEU B 84 -11.79 10.37 12.69
N ALA B 85 -11.35 9.25 12.12
CA ALA B 85 -10.96 8.11 12.93
C ALA B 85 -9.48 7.89 12.63
N VAL B 86 -8.66 7.93 13.66
CA VAL B 86 -7.22 7.71 13.50
C VAL B 86 -6.82 6.57 14.42
N ALA B 87 -6.51 5.43 13.81
CA ALA B 87 -6.36 4.17 14.52
C ALA B 87 -5.87 3.13 13.51
N PRO B 88 -5.44 1.94 13.98
CA PRO B 88 -5.15 0.91 12.96
C PRO B 88 -6.44 0.34 12.36
N LEU B 89 -7.18 1.20 11.66
CA LEU B 89 -8.46 0.82 11.09
C LEU B 89 -8.22 0.33 9.67
N THR B 90 -8.36 -0.98 9.49
CA THR B 90 -8.02 -1.61 8.22
C THR B 90 -8.97 -1.17 7.11
N ILE B 91 -8.40 -0.78 5.98
CA ILE B 91 -9.18 -0.46 4.80
C ILE B 91 -9.73 -1.73 4.20
N THR B 92 -11.05 -1.83 4.12
CA THR B 92 -11.69 -3.02 3.58
C THR B 92 -12.85 -2.65 2.68
N TYR B 93 -13.25 -3.61 1.87
CA TYR B 93 -14.36 -3.42 0.95
C TYR B 93 -15.64 -2.99 1.67
N VAL B 94 -16.07 -3.75 2.68
CA VAL B 94 -17.34 -3.41 3.35
C VAL B 94 -17.31 -2.03 4.05
N ARG B 95 -16.16 -1.68 4.62
CA ARG B 95 -16.04 -0.40 5.32
C ARG B 95 -15.96 0.78 4.35
N GLU B 96 -15.24 0.61 3.24
CA GLU B 96 -15.07 1.70 2.27
C GLU B 96 -16.40 2.09 1.61
N LYS B 97 -17.34 1.15 1.54
CA LYS B 97 -18.69 1.49 1.09
C LYS B 97 -19.43 2.49 1.99
N VAL B 98 -19.16 2.48 3.29
CA VAL B 98 -19.94 3.30 4.22
C VAL B 98 -19.20 4.51 4.84
N ILE B 99 -17.88 4.56 4.72
CA ILE B 99 -17.13 5.76 5.10
C ILE B 99 -16.12 6.13 4.00
N ASP B 100 -15.51 7.30 4.10
CA ASP B 100 -14.48 7.70 3.13
C ASP B 100 -13.10 7.58 3.78
N PHE B 101 -12.34 6.54 3.45
CA PHE B 101 -10.96 6.40 3.92
C PHE B 101 -10.01 7.33 3.17
N SER B 102 -9.04 7.91 3.86
CA SER B 102 -7.89 8.52 3.19
C SER B 102 -7.06 7.43 2.51
N LYS B 103 -6.08 7.83 1.70
CA LYS B 103 -5.06 6.91 1.22
C LYS B 103 -4.34 6.33 2.43
N PRO B 104 -3.76 5.12 2.28
CA PRO B 104 -3.19 4.47 3.47
C PRO B 104 -1.95 5.16 4.04
N PHE B 105 -1.83 5.17 5.37
CA PHE B 105 -0.63 5.70 6.00
C PHE B 105 0.33 4.59 6.43
N MET B 106 -0.10 3.34 6.32
CA MET B 106 0.75 2.21 6.68
C MET B 106 0.26 0.97 5.94
N THR B 107 1.19 0.12 5.46
CA THR B 107 0.78 -1.11 4.80
C THR B 107 0.78 -2.29 5.78
N LEU B 108 0.00 -3.31 5.44
CA LEU B 108 0.03 -4.57 6.18
C LEU B 108 -0.61 -5.67 5.36
N GLY B 109 -0.44 -6.89 5.83
CA GLY B 109 -1.17 -8.03 5.31
C GLY B 109 -1.42 -8.99 6.45
N ILE B 110 -2.40 -9.87 6.28
CA ILE B 110 -2.63 -10.94 7.25
C ILE B 110 -1.45 -11.91 7.19
N SER B 111 -0.97 -12.31 8.36
CA SER B 111 0.08 -13.34 8.43
C SER B 111 -0.14 -14.20 9.66
N ILE B 112 0.83 -15.05 9.98
CA ILE B 112 0.67 -16.00 11.09
C ILE B 112 1.70 -15.77 12.19
N LEU B 113 1.23 -15.64 13.42
CA LEU B 113 2.07 -15.58 14.61
C LEU B 113 2.13 -16.97 15.27
N TYR B 114 3.32 -17.47 15.54
CA TYR B 114 3.49 -18.81 16.09
C TYR B 114 4.81 -18.84 16.86
N ARG B 115 5.05 -19.90 17.62
CA ARG B 115 6.33 -19.99 18.32
CA ARG B 115 6.32 -20.08 18.32
C ARG B 115 7.43 -20.37 17.32
N LYS B 116 8.66 -20.01 17.66
CA LYS B 116 9.83 -20.32 16.82
C LYS B 116 10.19 -21.80 16.87
N GLY B 117 11.02 -22.22 15.92
CA GLY B 117 11.65 -23.52 15.98
C GLY B 117 10.85 -24.72 15.49
N THR B 118 9.72 -24.48 14.83
CA THR B 118 8.89 -25.58 14.35
C THR B 118 8.99 -25.71 12.83
N PRO B 119 8.46 -26.81 12.26
CA PRO B 119 8.56 -26.95 10.80
C PRO B 119 7.40 -26.29 10.04
N ILE B 120 6.43 -25.70 10.75
CA ILE B 120 5.33 -25.03 10.08
C ILE B 120 5.85 -23.83 9.29
N ASP B 121 5.40 -23.66 8.06
CA ASP B 121 5.95 -22.59 7.22
C ASP B 121 4.93 -21.81 6.38
N SER B 122 3.66 -22.19 6.44
CA SER B 122 2.64 -21.55 5.61
C SER B 122 1.23 -21.79 6.12
N ALA B 123 0.27 -21.03 5.60
CA ALA B 123 -1.13 -21.27 5.94
C ALA B 123 -1.56 -22.67 5.48
N ASP B 124 -1.01 -23.13 4.35
CA ASP B 124 -1.32 -24.46 3.85
CA ASP B 124 -1.32 -24.46 3.85
C ASP B 124 -0.93 -25.54 4.85
N ASP B 125 0.24 -25.40 5.47
CA ASP B 125 0.67 -26.36 6.48
C ASP B 125 -0.35 -26.41 7.63
N LEU B 126 -0.93 -25.26 7.97
CA LEU B 126 -1.93 -25.22 9.04
C LEU B 126 -3.26 -25.86 8.61
N ALA B 127 -3.70 -25.55 7.39
CA ALA B 127 -5.00 -26.02 6.92
C ALA B 127 -5.02 -27.54 6.78
N LYS B 128 -3.84 -28.11 6.56
CA LYS B 128 -3.66 -29.54 6.29
C LYS B 128 -3.80 -30.42 7.53
N GLN B 129 -3.97 -29.82 8.70
CA GLN B 129 -3.95 -30.58 9.94
C GLN B 129 -4.92 -30.04 10.98
N THR B 130 -5.00 -30.73 12.12
CA THR B 130 -5.94 -30.36 13.17
C THR B 130 -5.27 -30.36 14.54
N LYS B 131 -4.05 -30.85 14.60
CA LYS B 131 -3.26 -30.87 15.83
C LYS B 131 -3.10 -29.46 16.37
N ILE B 132 -2.42 -28.62 15.60
CA ILE B 132 -2.18 -27.23 15.96
C ILE B 132 -3.45 -26.41 15.73
N GLU B 133 -3.97 -25.81 16.80
CA GLU B 133 -5.13 -24.92 16.71
CA GLU B 133 -5.13 -24.94 16.68
C GLU B 133 -4.72 -23.57 16.12
N TYR B 134 -5.66 -22.90 15.47
CA TYR B 134 -5.40 -21.58 14.90
C TYR B 134 -6.69 -20.77 14.79
N GLY B 135 -6.56 -19.45 14.92
CA GLY B 135 -7.72 -18.59 14.98
C GLY B 135 -7.33 -17.15 14.77
N ALA B 136 -8.25 -16.23 15.05
CA ALA B 136 -8.05 -14.81 14.81
C ALA B 136 -8.87 -14.08 15.84
N VAL B 137 -8.70 -12.76 15.93
CA VAL B 137 -9.55 -11.96 16.81
C VAL B 137 -10.99 -11.94 16.27
N ARG B 138 -11.96 -12.21 17.15
CA ARG B 138 -13.35 -12.27 16.72
C ARG B 138 -13.85 -10.93 16.14
N ASP B 139 -14.52 -11.00 15.00
CA ASP B 139 -15.22 -9.85 14.39
CA ASP B 139 -15.22 -9.84 14.44
C ASP B 139 -14.31 -8.78 13.77
N GLY B 140 -12.99 -8.95 13.87
CA GLY B 140 -12.06 -8.04 13.19
C GLY B 140 -12.03 -8.28 11.68
N SER B 141 -11.21 -7.52 10.96
CA SER B 141 -11.15 -7.68 9.51
CA SER B 141 -11.14 -7.67 9.52
C SER B 141 -10.47 -8.98 9.10
N THR B 142 -9.60 -9.51 9.97
CA THR B 142 -8.93 -10.77 9.65
C THR B 142 -9.92 -11.93 9.65
N MET B 143 -10.74 -11.99 10.70
CA MET B 143 -11.79 -13.00 10.78
C MET B 143 -12.70 -12.87 9.56
N THR B 144 -13.09 -11.64 9.24
CA THR B 144 -13.97 -11.40 8.09
C THR B 144 -13.36 -11.87 6.77
N PHE B 145 -12.05 -11.67 6.60
CA PHE B 145 -11.36 -12.15 5.42
C PHE B 145 -11.60 -13.65 5.26
N PHE B 146 -11.42 -14.39 6.34
CA PHE B 146 -11.58 -15.84 6.28
C PHE B 146 -13.04 -16.23 6.05
N LYS B 147 -13.93 -15.57 6.76
CA LYS B 147 -15.36 -15.84 6.65
C LYS B 147 -15.85 -15.75 5.19
N LYS B 148 -15.35 -14.76 4.46
CA LYS B 148 -15.85 -14.48 3.11
C LYS B 148 -14.99 -15.01 1.97
N SER B 149 -13.84 -15.60 2.28
CA SER B 149 -12.95 -16.05 1.21
C SER B 149 -13.53 -17.24 0.47
N LYS B 150 -13.20 -17.33 -0.82
CA LYS B 150 -13.60 -18.46 -1.65
C LYS B 150 -12.37 -19.23 -2.12
N ILE B 151 -11.20 -18.82 -1.63
CA ILE B 151 -9.96 -19.57 -1.89
C ILE B 151 -10.02 -20.84 -1.06
N SER B 152 -9.71 -21.98 -1.68
CA SER B 152 -9.92 -23.29 -1.04
C SER B 152 -9.23 -23.44 0.32
N THR B 153 -7.96 -23.04 0.38
CA THR B 153 -7.20 -23.15 1.63
C THR B 153 -7.83 -22.31 2.75
N TYR B 154 -8.27 -21.10 2.41
CA TYR B 154 -8.83 -20.19 3.42
C TYR B 154 -10.26 -20.58 3.80
N GLU B 155 -10.98 -21.23 2.89
CA GLU B 155 -12.30 -21.79 3.18
C GLU B 155 -12.16 -22.89 4.21
N LYS B 156 -11.20 -23.77 3.95
CA LYS B 156 -10.91 -24.88 4.84
C LYS B 156 -10.56 -24.34 6.22
N MET B 157 -9.75 -23.29 6.25
CA MET B 157 -9.34 -22.69 7.52
C MET B 157 -10.51 -22.05 8.23
N TRP B 158 -11.41 -21.43 7.47
CA TRP B 158 -12.58 -20.82 8.11
C TRP B 158 -13.49 -21.87 8.73
N ALA B 159 -13.67 -22.98 8.02
CA ALA B 159 -14.44 -24.11 8.54
C ALA B 159 -13.90 -24.52 9.90
N PHE B 160 -12.58 -24.63 10.00
CA PHE B 160 -11.96 -24.99 11.28
C PHE B 160 -12.19 -23.93 12.34
N MET B 161 -11.92 -22.67 12.01
CA MET B 161 -12.03 -21.58 12.97
C MET B 161 -13.43 -21.41 13.52
N SER B 162 -14.43 -21.63 12.66
CA SER B 162 -15.82 -21.39 13.03
C SER B 162 -16.42 -22.58 13.76
N SER B 163 -15.74 -23.71 13.71
CA SER B 163 -16.22 -24.93 14.34
C SER B 163 -16.23 -24.81 15.87
N ARG B 164 -17.07 -25.63 16.52
CA ARG B 164 -17.10 -25.73 17.98
C ARG B 164 -17.36 -24.37 18.63
N GLN B 165 -18.39 -23.69 18.13
CA GLN B 165 -18.79 -22.35 18.57
C GLN B 165 -17.63 -21.38 18.61
N GLN B 166 -16.75 -21.49 17.62
CA GLN B 166 -15.64 -20.55 17.43
C GLN B 166 -14.69 -20.53 18.62
N SER B 167 -14.46 -21.70 19.22
CA SER B 167 -13.53 -21.80 20.33
C SER B 167 -12.08 -21.46 19.90
N ALA B 168 -11.80 -21.50 18.60
CA ALA B 168 -10.46 -21.18 18.13
C ALA B 168 -10.19 -19.68 18.06
N LEU B 169 -11.25 -18.87 18.12
CA LEU B 169 -11.09 -17.41 18.06
C LEU B 169 -10.79 -16.85 19.46
N VAL B 170 -10.27 -15.62 19.51
CA VAL B 170 -9.93 -14.95 20.76
C VAL B 170 -10.59 -13.57 20.78
N LYS B 171 -10.69 -12.96 21.96
CA LYS B 171 -11.39 -11.67 22.08
C LYS B 171 -10.52 -10.47 21.69
N ASN B 172 -9.21 -10.61 21.86
CA ASN B 172 -8.28 -9.54 21.48
C ASN B 172 -6.88 -10.08 21.27
N SER B 173 -5.98 -9.25 20.75
CA SER B 173 -4.63 -9.69 20.40
C SER B 173 -3.82 -10.16 21.59
N ASP B 174 -3.93 -9.47 22.73
CA ASP B 174 -3.20 -9.89 23.92
C ASP B 174 -3.58 -11.31 24.34
N GLU B 175 -4.87 -11.63 24.27
CA GLU B 175 -5.32 -12.98 24.55
C GLU B 175 -4.75 -13.97 23.53
N GLY B 176 -4.77 -13.60 22.25
CA GLY B 176 -4.22 -14.44 21.21
C GLY B 176 -2.75 -14.72 21.43
N ILE B 177 -1.99 -13.66 21.72
CA ILE B 177 -0.56 -13.81 21.99
C ILE B 177 -0.28 -14.75 23.16
N GLN B 178 -1.04 -14.63 24.25
CA GLN B 178 -0.82 -15.51 25.39
C GLN B 178 -1.18 -16.95 25.05
N ARG B 179 -2.19 -17.12 24.21
CA ARG B 179 -2.59 -18.45 23.78
C ARG B 179 -1.48 -19.08 22.92
N VAL B 180 -0.86 -18.27 22.06
CA VAL B 180 0.28 -18.75 21.28
C VAL B 180 1.44 -19.18 22.18
N LEU B 181 1.73 -18.37 23.18
CA LEU B 181 2.83 -18.63 24.11
C LEU B 181 2.62 -19.84 25.01
N THR B 182 1.37 -20.14 25.34
CA THR B 182 1.06 -21.15 26.34
C THR B 182 0.69 -22.51 25.76
N THR B 183 0.02 -22.50 24.61
CA THR B 183 -0.58 -23.72 24.05
C THR B 183 -0.08 -23.94 22.63
N ASP B 184 -0.50 -25.03 21.99
CA ASP B 184 -0.12 -25.26 20.60
C ASP B 184 -1.12 -24.56 19.67
N TYR B 185 -0.90 -23.26 19.49
CA TYR B 185 -1.88 -22.39 18.84
C TYR B 185 -1.16 -21.37 17.95
N ALA B 186 -1.71 -21.13 16.76
CA ALA B 186 -1.18 -20.11 15.86
C ALA B 186 -2.22 -19.01 15.69
N LEU B 187 -1.79 -17.75 15.72
CA LEU B 187 -2.74 -16.65 15.61
C LEU B 187 -2.65 -15.96 14.25
N LEU B 188 -3.78 -15.84 13.57
CA LEU B 188 -3.81 -15.08 12.31
C LEU B 188 -3.96 -13.60 12.67
N MET B 189 -3.00 -12.79 12.24
CA MET B 189 -2.80 -11.45 12.80
C MET B 189 -2.23 -10.52 11.73
N GLU B 190 -2.56 -9.23 11.82
CA GLU B 190 -2.01 -8.27 10.87
C GLU B 190 -0.50 -8.13 11.06
N SER B 191 0.22 -8.05 9.94
CA SER B 191 1.68 -8.18 9.97
C SER B 191 2.35 -7.09 10.78
N THR B 192 1.74 -5.91 10.77
CA THR B 192 2.24 -4.77 11.56
C THR B 192 2.25 -5.09 13.05
N SER B 193 1.20 -5.77 13.51
CA SER B 193 1.15 -6.19 14.90
C SER B 193 2.09 -7.35 15.17
N ILE B 194 2.27 -8.24 14.19
CA ILE B 194 3.21 -9.34 14.36
C ILE B 194 4.63 -8.80 14.52
N GLU B 195 4.97 -7.84 13.68
CA GLU B 195 6.28 -7.21 13.72
C GLU B 195 6.52 -6.60 15.11
N TYR B 196 5.52 -5.92 15.65
CA TYR B 196 5.65 -5.29 16.97
C TYR B 196 5.93 -6.31 18.07
N VAL B 197 5.17 -7.40 18.04
CA VAL B 197 5.32 -8.47 19.02
C VAL B 197 6.64 -9.23 18.89
N THR B 198 7.04 -9.55 17.66
CA THR B 198 8.24 -10.36 17.48
C THR B 198 9.54 -9.60 17.72
N GLN B 199 9.48 -8.28 17.72
CA GLN B 199 10.63 -7.44 18.05
C GLN B 199 10.87 -7.49 19.55
N ARG B 200 9.84 -7.88 20.29
CA ARG B 200 9.86 -7.83 21.76
C ARG B 200 9.87 -9.20 22.43
N ASN B 201 9.50 -10.22 21.68
CA ASN B 201 9.47 -11.58 22.23
C ASN B 201 10.12 -12.54 21.26
N CYS B 202 11.34 -12.97 21.58
CA CYS B 202 12.13 -13.78 20.66
C CYS B 202 11.70 -15.24 20.64
N ASN B 203 10.66 -15.56 21.41
CA ASN B 203 10.07 -16.90 21.38
C ASN B 203 9.03 -17.01 20.27
N LEU B 204 8.62 -15.87 19.73
CA LEU B 204 7.59 -15.83 18.70
C LEU B 204 8.17 -15.40 17.36
N THR B 205 7.53 -15.82 16.28
CA THR B 205 7.98 -15.47 14.95
C THR B 205 6.78 -15.35 14.01
N GLN B 206 6.99 -14.73 12.86
CA GLN B 206 6.00 -14.75 11.81
C GLN B 206 6.20 -16.03 11.01
N ILE B 207 5.10 -16.66 10.60
CA ILE B 207 5.18 -17.87 9.79
C ILE B 207 4.73 -17.55 8.38
N GLY B 208 5.60 -17.80 7.40
CA GLY B 208 5.23 -17.54 6.01
C GLY B 208 5.17 -16.05 5.72
N GLY B 209 4.52 -15.70 4.61
CA GLY B 209 4.48 -14.32 4.17
C GLY B 209 3.12 -13.69 4.43
N LEU B 210 2.83 -12.60 3.74
CA LEU B 210 1.51 -11.97 3.86
C LEU B 210 0.54 -12.67 2.91
N ILE B 211 -0.66 -12.97 3.38
CA ILE B 211 -1.62 -13.67 2.53
C ILE B 211 -2.55 -12.71 1.80
N ASP B 212 -2.54 -11.44 2.21
CA ASP B 212 -3.19 -10.39 1.43
C ASP B 212 -2.38 -9.08 1.51
N SER B 213 -2.92 -8.00 0.96
CA SER B 213 -2.19 -6.74 0.90
C SER B 213 -3.18 -5.59 1.05
N LYS B 214 -3.03 -4.84 2.13
CA LYS B 214 -3.92 -3.72 2.38
C LYS B 214 -3.20 -2.72 3.27
N GLY B 215 -3.97 -1.90 3.96
CA GLY B 215 -3.37 -0.85 4.76
C GLY B 215 -4.34 -0.26 5.76
N TYR B 216 -3.84 0.64 6.59
CA TYR B 216 -4.68 1.43 7.48
C TYR B 216 -4.84 2.79 6.87
N GLY B 217 -6.03 3.35 6.97
CA GLY B 217 -6.28 4.69 6.50
C GLY B 217 -7.02 5.49 7.56
N VAL B 218 -6.98 6.80 7.44
CA VAL B 218 -7.76 7.65 8.33
C VAL B 218 -9.21 7.60 7.85
N GLY B 219 -10.16 7.34 8.75
CA GLY B 219 -11.55 7.29 8.35
C GLY B 219 -12.22 8.66 8.45
N THR B 220 -13.07 9.00 7.47
CA THR B 220 -13.91 10.21 7.56
C THR B 220 -15.31 9.82 7.10
N PRO B 221 -16.32 10.63 7.45
CA PRO B 221 -17.67 10.28 6.95
C PRO B 221 -17.75 10.46 5.43
N ILE B 222 -18.63 9.70 4.78
CA ILE B 222 -18.84 9.88 3.33
C ILE B 222 -19.11 11.36 3.05
N GLY B 223 -18.46 11.90 2.02
CA GLY B 223 -18.66 13.28 1.61
C GLY B 223 -17.81 14.30 2.34
N SER B 224 -16.96 13.83 3.25
CA SER B 224 -16.18 14.75 4.06
C SER B 224 -15.12 15.50 3.23
N PRO B 225 -15.08 16.84 3.41
CA PRO B 225 -14.07 17.68 2.78
C PRO B 225 -12.66 17.38 3.30
N TYR B 226 -12.55 16.73 4.45
CA TYR B 226 -11.24 16.45 5.01
C TYR B 226 -10.54 15.25 4.40
N ARG B 227 -11.30 14.34 3.77
CA ARG B 227 -10.68 13.13 3.27
C ARG B 227 -9.56 13.44 2.28
N ASP B 228 -9.84 14.27 1.27
CA ASP B 228 -8.80 14.53 0.27
C ASP B 228 -7.62 15.34 0.83
N LYS B 229 -7.90 16.25 1.76
CA LYS B 229 -6.83 17.01 2.43
C LYS B 229 -5.93 16.12 3.27
N ILE B 230 -6.51 15.18 4.00
CA ILE B 230 -5.71 14.26 4.80
CA ILE B 230 -5.75 14.22 4.81
C ILE B 230 -4.91 13.33 3.90
N THR B 231 -5.51 12.86 2.83
CA THR B 231 -4.77 12.07 1.85
C THR B 231 -3.52 12.83 1.37
N ILE B 232 -3.70 14.07 0.98
CA ILE B 232 -2.59 14.86 0.45
C ILE B 232 -1.50 15.07 1.53
N ALA B 233 -1.92 15.30 2.77
CA ALA B 233 -0.97 15.42 3.87
C ALA B 233 -0.19 14.11 4.08
N ILE B 234 -0.88 12.98 3.98
CA ILE B 234 -0.25 11.67 4.16
C ILE B 234 0.80 11.41 3.06
N LEU B 235 0.48 11.75 1.83
CA LEU B 235 1.46 11.61 0.75
C LEU B 235 2.70 12.46 1.01
N GLN B 236 2.48 13.67 1.50
CA GLN B 236 3.57 14.57 1.86
C GLN B 236 4.45 13.95 2.95
N LEU B 237 3.82 13.43 4.00
CA LEU B 237 4.56 12.78 5.08
C LEU B 237 5.34 11.55 4.57
N GLN B 238 4.73 10.80 3.68
CA GLN B 238 5.41 9.62 3.13
C GLN B 238 6.63 10.05 2.34
N GLU B 239 6.44 11.00 1.44
CA GLU B 239 7.54 11.38 0.54
C GLU B 239 8.70 12.04 1.26
N GLU B 240 8.42 12.66 2.40
CA GLU B 240 9.45 13.28 3.24
C GLU B 240 10.20 12.29 4.14
N GLY B 241 9.79 11.03 4.12
CA GLY B 241 10.42 10.02 4.94
C GLY B 241 9.89 10.03 6.37
N LYS B 242 8.90 10.86 6.64
CA LYS B 242 8.38 11.00 8.01
C LYS B 242 7.52 9.84 8.54
N LEU B 243 6.71 9.24 7.69
CA LEU B 243 5.96 8.06 8.13
C LEU B 243 6.89 6.91 8.49
N HIS B 244 7.97 6.77 7.72
CA HIS B 244 8.96 5.74 7.99
C HIS B 244 9.65 5.97 9.33
N MET B 245 10.04 7.23 9.58
CA MET B 245 10.65 7.60 10.85
C MET B 245 9.70 7.31 12.02
N MET B 246 8.44 7.68 11.85
CA MET B 246 7.43 7.48 12.88
C MET B 246 7.24 6.01 13.20
N LYS B 247 7.25 5.17 12.17
CA LYS B 247 7.12 3.74 12.41
C LYS B 247 8.32 3.21 13.18
N GLU B 248 9.52 3.63 12.78
CA GLU B 248 10.73 3.20 13.46
C GLU B 248 10.75 3.62 14.93
N LYS B 249 10.24 4.81 15.22
CA LYS B 249 10.19 5.32 16.59
C LYS B 249 9.38 4.41 17.50
N TRP B 250 8.24 3.93 17.01
CA TRP B 250 7.33 3.14 17.83
C TRP B 250 7.51 1.61 17.75
N TRP B 251 8.08 1.11 16.65
CA TRP B 251 8.19 -0.35 16.49
C TRP B 251 9.51 -0.93 16.98
N ARG B 252 10.56 -0.11 17.00
CA ARG B 252 11.88 -0.62 17.34
C ARG B 252 11.94 -1.27 18.72
N GLY B 253 12.20 -2.57 18.73
CA GLY B 253 12.58 -3.28 19.93
C GLY B 253 14.03 -3.65 19.74
N ASN B 254 14.54 -4.59 20.52
CA ASN B 254 15.90 -5.06 20.34
C ASN B 254 16.07 -5.91 19.08
N GLY B 255 14.97 -6.47 18.61
CA GLY B 255 15.01 -7.44 17.53
C GLY B 255 15.43 -8.78 18.10
N CYS B 256 15.62 -9.76 17.23
CA CYS B 256 15.96 -11.11 17.66
C CYS B 256 16.94 -11.74 16.71
N PRO B 257 17.78 -12.65 17.22
CA PRO B 257 18.67 -13.41 16.35
C PRO B 257 17.87 -14.42 15.53
CAG 2J9 C . 2.47 4.92 3.82
CAH 2J9 C . 2.12 3.48 3.60
CAN 2J9 C . 2.59 4.31 2.43
NAO 2J9 C . 1.64 4.73 1.40
CAI 2J9 C . 1.56 6.16 1.13
NAJ 2J9 C . 0.19 6.44 0.74
SAP 2J9 C . -0.14 5.84 -0.80
OAA 2J9 C . 0.79 6.50 -1.74
OAB 2J9 C . -1.60 5.90 -1.05
CAM 2J9 C . 0.38 4.16 -0.63
CAL 2J9 C . 1.21 3.77 0.44
CAE 2J9 C . 1.59 2.41 0.52
CAD 2J9 C . 1.15 1.47 -0.44
CAK 2J9 C . 0.33 1.90 -1.49
FAC 2J9 C . -0.10 1.02 -2.42
CAF 2J9 C . -0.06 3.24 -1.61
CAG 2J9 D . -3.60 -3.91 -4.10
CAH 2J9 D . -2.25 -3.39 -3.64
CAN 2J9 D . -3.31 -3.73 -2.62
NAO 2J9 D . -4.05 -2.65 -1.97
CAI 2J9 D . -5.50 -2.73 -2.03
NAJ 2J9 D . -6.00 -1.36 -2.03
SAP 2J9 D . -5.87 -0.66 -0.49
OAA 2J9 D . -6.63 -1.45 0.50
OAB 2J9 D . -6.11 0.79 -0.60
CAM 2J9 D . -4.13 -0.94 -0.18
CAL 2J9 D . -3.42 -1.89 -0.95
CAE 2J9 D . -2.03 -2.07 -0.64
CAD 2J9 D . -1.41 -1.32 0.37
CAK 2J9 D . -2.15 -0.40 1.11
FAC 2J9 D . -1.53 0.32 2.07
CAF 2J9 D . -3.52 -0.19 0.84
N KAI E . 5.77 5.12 -12.82
CD KAI E . 6.02 4.63 -14.22
CD1 KAI E . 7.80 4.05 -16.54
CD2 KAI E . 8.50 6.43 -16.75
CA KAI E . 6.59 6.39 -12.61
CB KAI E . 7.64 6.36 -13.74
CB1 KAI E . 8.88 5.51 -13.37
CG KAI E . 6.85 5.72 -14.91
CG1 KAI E . 9.87 6.20 -12.42
CG2 KAI E . 7.72 5.31 -16.09
C KAI E . 5.66 7.66 -12.67
O KAI E . 6.18 8.81 -12.73
OD1 KAI E . 10.69 5.40 -11.85
OD2 KAI E . 9.79 7.45 -12.27
OXT KAI E . 4.42 7.37 -12.66
CL CL F . -8.63 7.40 -1.85
C1 GOL G . 7.13 12.24 -17.14
O1 GOL G . 5.84 12.73 -17.47
C2 GOL G . 7.41 10.83 -17.65
O2 GOL G . 6.65 10.51 -18.80
C3 GOL G . 8.89 10.70 -18.00
O3 GOL G . 9.11 9.54 -18.79
C1 GOL H . 9.82 -2.67 -18.54
O1 GOL H . 10.85 -2.11 -19.33
C2 GOL H . 9.93 -2.19 -17.08
O2 GOL H . 10.82 -1.10 -16.99
C3 GOL H . 8.56 -1.72 -16.59
O3 GOL H . 7.88 -2.79 -15.99
S SO4 I . 24.32 25.22 -15.94
O1 SO4 I . 25.21 24.55 -16.89
O2 SO4 I . 24.02 26.57 -16.43
O3 SO4 I . 23.09 24.46 -15.83
O4 SO4 I . 24.97 25.32 -14.64
N KAI J . -7.22 -3.78 12.56
CD KAI J . -6.94 -3.72 14.02
CD1 KAI J . -6.80 -4.70 16.83
CD2 KAI J . -9.03 -5.76 16.70
CA KAI J . -8.27 -4.87 12.31
CB KAI J . -8.34 -5.63 13.64
CB1 KAI J . -7.29 -6.75 13.71
CG KAI J . -8.10 -4.50 14.66
CG1 KAI J . -7.61 -8.03 12.94
CG2 KAI J . -7.90 -4.96 16.09
C KAI J . -9.63 -4.20 11.89
O KAI J . -9.51 -2.94 11.71
OD1 KAI J . -8.79 -8.21 12.55
OD2 KAI J . -6.62 -8.83 12.78
OXT KAI J . -10.67 -4.90 11.80
C1 GOL K . -14.75 10.52 28.91
O1 GOL K . -13.56 10.45 29.69
C2 GOL K . -14.57 11.35 27.63
O2 GOL K . -15.10 10.66 26.52
C3 GOL K . -13.10 11.62 27.38
O3 GOL K . -12.84 11.69 25.99
S SO4 L . -10.03 -27.27 24.23
O1 SO4 L . -9.21 -28.48 24.10
O2 SO4 L . -9.33 -26.15 23.60
O3 SO4 L . -11.33 -27.49 23.60
O4 SO4 L . -10.24 -26.99 25.66
#